data_3UUF
#
_entry.id   3UUF
#
_cell.length_a   77.507
_cell.length_b   77.507
_cell.length_c   59.773
_cell.angle_alpha   90.00
_cell.angle_beta   90.00
_cell.angle_gamma   90.00
#
_symmetry.space_group_name_H-M   'P 43'
#
loop_
_entity.id
_entity.type
_entity.pdbx_description
1 polymer 'LIP1, secretory lipase (Family 3)'
2 branched 2-acetamido-2-deoxy-beta-D-glucopyranose-(1-4)-2-acetamido-2-deoxy-beta-D-glucopyranose
3 non-polymer alpha-D-mannopyranose
4 water water
#
_entity_poly.entity_id   1
_entity_poly.type   'polypeptide(L)'
_entity_poly.pdbx_seq_one_letter_code
;RGGSSTDQPVANPYNTKEISLAAGLVQQTYCDSTENGLKIGDSELLYTMGEGYARQRVNIYHSPSLGIAVAIEGTNLFSL
NSDLHDAKFWQEDPNERYIQYYPKGTKLMHGFQQAYNDLMDDIFTAVKKYKKEKNEKRVTVIGHSLGAAMGLLCAMDIEL
RMDGGLYKTYLFGLPRLGNPTFASFVDQKIGDKFHSIINGRDWVPTVPPRALGYQHPSDYVWIYPGNSTSAKLYPGQENV
HGILTVAREFNFDDHQGIYFHTQIGAVMGECPAQVGAH
;
_entity_poly.pdbx_strand_id   A
#
# COMPACT_ATOMS: atom_id res chain seq x y z
N ARG A 1 -2.92 3.33 -22.11
CA ARG A 1 -2.03 2.16 -21.85
C ARG A 1 -0.51 2.52 -22.02
N GLY A 2 0.17 2.80 -20.91
CA GLY A 2 1.48 3.49 -20.92
C GLY A 2 1.31 5.02 -20.80
N GLY A 3 0.06 5.49 -20.88
CA GLY A 3 -0.26 6.91 -21.03
C GLY A 3 -0.58 7.69 -19.78
N SER A 4 -1.26 8.82 -19.94
CA SER A 4 -1.64 9.61 -18.80
C SER A 4 -3.05 10.08 -19.04
N SER A 5 -3.96 9.59 -18.21
CA SER A 5 -5.37 9.90 -18.35
C SER A 5 -5.56 11.41 -18.20
N THR A 6 -6.44 11.99 -19.01
CA THR A 6 -6.72 13.45 -18.99
C THR A 6 -8.09 13.75 -18.34
N ASP A 7 -8.91 12.69 -18.19
CA ASP A 7 -10.24 12.70 -17.50
C ASP A 7 -10.40 13.56 -16.24
N GLN A 8 -11.60 14.08 -16.07
CA GLN A 8 -11.88 15.01 -15.00
C GLN A 8 -12.02 14.19 -13.70
N PRO A 9 -11.42 14.67 -12.59
CA PRO A 9 -11.65 14.28 -11.19
C PRO A 9 -13.15 14.12 -10.77
N VAL A 10 -13.52 13.02 -10.11
CA VAL A 10 -14.89 12.86 -9.60
C VAL A 10 -14.94 12.92 -8.09
N ALA A 11 -16.14 12.98 -7.54
CA ALA A 11 -16.32 12.85 -6.10
C ALA A 11 -15.62 11.57 -5.58
N ASN A 12 -15.20 11.60 -4.32
CA ASN A 12 -14.58 10.44 -3.69
C ASN A 12 -15.58 9.34 -3.36
N PRO A 13 -15.55 8.20 -4.12
CA PRO A 13 -16.49 7.10 -3.87
C PRO A 13 -16.11 6.17 -2.73
N TYR A 14 -14.93 6.31 -2.13
CA TYR A 14 -14.38 5.24 -1.25
C TYR A 14 -15.00 5.26 0.14
N ASN A 15 -15.04 4.10 0.77
CA ASN A 15 -15.59 4.07 2.08
C ASN A 15 -14.60 4.62 3.09
N THR A 16 -14.90 5.83 3.59
CA THR A 16 -13.94 6.64 4.36
C THR A 16 -13.70 6.07 5.74
N LYS A 17 -14.63 5.27 6.23
CA LYS A 17 -14.42 4.71 7.60
C LYS A 17 -13.47 3.49 7.44
N GLU A 18 -13.53 2.86 6.28
CA GLU A 18 -12.63 1.76 5.97
C GLU A 18 -11.24 2.33 5.70
N ILE A 19 -11.16 3.47 5.00
CA ILE A 19 -9.86 4.10 4.78
C ILE A 19 -9.24 4.48 6.14
N SER A 20 -10.08 5.10 6.98
CA SER A 20 -9.70 5.52 8.32
C SER A 20 -9.11 4.37 9.11
N LEU A 21 -9.90 3.32 9.19
CA LEU A 21 -9.49 2.08 9.82
C LEU A 21 -8.15 1.54 9.29
N ALA A 22 -8.05 1.25 7.96
CA ALA A 22 -6.84 0.69 7.34
C ALA A 22 -5.62 1.55 7.72
N ALA A 23 -5.78 2.87 7.68
CA ALA A 23 -4.70 3.76 8.14
C ALA A 23 -4.21 3.38 9.56
N GLY A 24 -5.16 3.12 10.47
CA GLY A 24 -4.86 2.72 11.82
C GLY A 24 -4.10 1.42 11.83
N LEU A 25 -4.63 0.45 11.10
CA LEU A 25 -4.00 -0.86 10.98
C LEU A 25 -2.59 -0.76 10.47
N VAL A 26 -2.27 0.24 9.64
CA VAL A 26 -0.89 0.34 9.16
C VAL A 26 0.01 1.21 10.02
N GLN A 27 -0.53 2.24 10.66
CA GLN A 27 0.26 3.02 11.61
C GLN A 27 0.86 2.09 12.68
N GLN A 28 0.13 1.03 12.99
CA GLN A 28 0.46 0.14 14.07
C GLN A 28 1.64 -0.71 13.71
N THR A 29 2.04 -0.72 12.45
CA THR A 29 3.16 -1.60 12.08
C THR A 29 4.46 -0.90 12.44
N TYR A 30 4.33 0.34 12.90
CA TYR A 30 5.49 1.12 13.30
C TYR A 30 5.76 0.99 14.80
N CYS A 31 4.93 0.21 15.51
CA CYS A 31 4.94 0.10 16.97
C CYS A 31 5.24 -1.35 17.24
N ASP A 32 5.69 -1.74 18.44
CA ASP A 32 5.84 -3.20 18.66
C ASP A 32 4.46 -3.90 18.81
N SER A 33 4.34 -5.10 18.23
CA SER A 33 3.03 -5.67 17.94
C SER A 33 2.79 -7.19 18.18
N THR A 34 3.49 -7.78 19.16
CA THR A 34 2.93 -8.97 19.84
C THR A 34 2.58 -8.63 21.28
N GLU A 35 2.29 -7.33 21.46
CA GLU A 35 1.34 -6.81 22.45
C GLU A 35 -0.03 -7.52 22.22
N ASN A 36 -0.24 -8.66 22.91
CA ASN A 36 -1.29 -9.65 22.51
C ASN A 36 -2.74 -9.43 22.93
N GLY A 37 -3.65 -9.52 21.96
CA GLY A 37 -5.03 -9.08 22.13
C GLY A 37 -5.31 -7.64 21.69
N LEU A 38 -4.32 -6.95 21.12
CA LEU A 38 -4.48 -5.51 20.88
C LEU A 38 -5.66 -5.24 19.98
N LYS A 39 -6.25 -4.06 20.13
CA LYS A 39 -7.46 -3.71 19.40
C LYS A 39 -7.31 -2.34 18.73
N ILE A 40 -7.55 -2.29 17.42
CA ILE A 40 -7.43 -1.08 16.61
C ILE A 40 -8.67 -0.98 15.73
N GLY A 41 -9.36 0.15 15.78
CA GLY A 41 -10.75 0.25 15.27
C GLY A 41 -11.51 -1.05 15.60
N ASP A 42 -12.30 -1.56 14.65
CA ASP A 42 -13.04 -2.83 14.82
C ASP A 42 -12.15 -4.11 14.91
N SER A 43 -10.83 -3.92 14.93
CA SER A 43 -9.87 -5.01 14.65
C SER A 43 -9.12 -5.62 15.85
N GLU A 44 -8.88 -6.93 15.78
CA GLU A 44 -8.03 -7.59 16.76
C GLU A 44 -6.70 -8.01 16.12
N LEU A 45 -5.59 -7.47 16.65
CA LEU A 45 -4.25 -7.84 16.23
C LEU A 45 -3.98 -9.29 16.58
N LEU A 46 -3.75 -10.14 15.58
CA LEU A 46 -3.61 -11.57 15.83
C LEU A 46 -2.18 -12.10 15.88
N TYR A 47 -1.25 -11.39 15.23
CA TYR A 47 0.06 -11.94 14.91
C TYR A 47 0.91 -10.87 14.27
N THR A 48 2.24 -11.08 14.27
CA THR A 48 3.24 -10.06 13.85
C THR A 48 4.57 -10.71 13.51
N MET A 49 5.32 -10.07 12.62
CA MET A 49 6.68 -10.50 12.25
C MET A 49 7.46 -9.32 11.69
N GLY A 50 8.78 -9.45 11.72
CA GLY A 50 9.67 -8.42 11.26
C GLY A 50 9.63 -7.42 12.35
N GLU A 51 10.34 -6.32 12.17
CA GLU A 51 10.64 -5.40 13.24
C GLU A 51 11.10 -4.06 12.67
N GLY A 52 11.14 -3.93 11.35
CA GLY A 52 11.46 -2.63 10.74
C GLY A 52 12.93 -2.31 10.76
N TYR A 53 13.77 -3.34 10.89
CA TYR A 53 15.20 -3.14 10.81
C TYR A 53 15.80 -3.88 9.63
N ALA A 54 15.51 -5.17 9.48
CA ALA A 54 15.95 -5.97 8.31
C ALA A 54 14.77 -6.33 7.38
N ARG A 55 13.58 -6.41 7.96
CA ARG A 55 12.34 -6.49 7.19
C ARG A 55 11.26 -5.62 7.81
N GLN A 56 10.24 -5.32 7.01
CA GLN A 56 9.17 -4.43 7.46
C GLN A 56 8.34 -5.18 8.49
N ARG A 57 7.78 -4.51 9.50
CA ARG A 57 6.87 -5.22 10.37
C ARG A 57 5.61 -5.49 9.55
N VAL A 58 5.10 -6.71 9.68
CA VAL A 58 3.81 -7.09 9.14
C VAL A 58 2.86 -7.52 10.27
N ASN A 59 1.70 -6.88 10.33
CA ASN A 59 0.71 -7.31 11.28
C ASN A 59 -0.43 -8.01 10.56
N ILE A 60 -0.89 -9.12 11.13
CA ILE A 60 -2.14 -9.79 10.74
C ILE A 60 -3.22 -9.44 11.79
N TYR A 61 -4.31 -8.80 11.34
CA TYR A 61 -5.46 -8.52 12.16
C TYR A 61 -6.65 -9.35 11.68
N HIS A 62 -7.67 -9.47 12.53
CA HIS A 62 -9.03 -9.83 12.08
C HIS A 62 -10.04 -8.72 12.34
N SER A 63 -10.88 -8.50 11.33
CA SER A 63 -11.80 -7.36 11.26
C SER A 63 -13.17 -7.80 10.71
N PRO A 64 -14.28 -7.39 11.38
CA PRO A 64 -15.57 -7.73 10.76
C PRO A 64 -15.74 -7.05 9.39
N SER A 65 -15.34 -5.78 9.24
CA SER A 65 -15.42 -5.09 7.94
C SER A 65 -14.37 -5.44 6.89
N LEU A 66 -13.12 -5.67 7.30
CA LEU A 66 -12.05 -5.99 6.33
C LEU A 66 -11.53 -7.45 6.30
N GLY A 67 -12.11 -8.37 7.07
CA GLY A 67 -11.67 -9.78 6.98
C GLY A 67 -10.34 -9.90 7.68
N ILE A 68 -9.55 -10.91 7.29
CA ILE A 68 -8.12 -10.97 7.65
C ILE A 68 -7.31 -9.83 6.99
N ALA A 69 -6.75 -8.93 7.81
CA ALA A 69 -6.07 -7.76 7.28
C ALA A 69 -4.52 -7.86 7.50
N VAL A 70 -3.78 -7.81 6.40
CA VAL A 70 -2.33 -7.84 6.35
C VAL A 70 -1.77 -6.44 6.18
N ALA A 71 -1.10 -5.93 7.21
CA ALA A 71 -0.55 -4.57 7.10
C ALA A 71 0.97 -4.56 7.03
N ILE A 72 1.50 -3.81 6.08
CA ILE A 72 2.95 -3.85 5.83
C ILE A 72 3.55 -2.48 6.13
N GLU A 73 4.47 -2.43 7.07
CA GLU A 73 5.13 -1.20 7.49
C GLU A 73 5.96 -0.69 6.32
N GLY A 74 6.19 0.61 6.26
CA GLY A 74 7.04 1.22 5.24
C GLY A 74 8.12 2.10 5.79
N THR A 75 8.85 1.60 6.80
CA THR A 75 9.94 2.43 7.31
C THR A 75 11.09 2.44 6.27
N ASN A 76 12.11 3.24 6.51
CA ASN A 76 13.08 3.49 5.47
C ASN A 76 14.28 2.53 5.60
N LEU A 77 14.01 1.27 5.29
CA LEU A 77 15.05 0.29 5.15
C LEU A 77 15.98 0.78 4.04
N PHE A 78 15.45 1.50 3.06
CA PHE A 78 16.25 2.20 2.05
C PHE A 78 15.51 3.47 1.70
N SER A 79 16.18 4.32 0.95
CA SER A 79 15.74 5.68 0.84
C SER A 79 15.31 5.93 -0.59
N LEU A 80 14.20 6.63 -0.76
CA LEU A 80 13.71 6.83 -2.10
C LEU A 80 14.18 8.09 -2.82
N ASN A 81 14.86 9.04 -2.15
CA ASN A 81 15.55 10.13 -2.92
C ASN A 81 17.09 10.02 -2.90
N SER A 82 17.58 8.81 -2.68
CA SER A 82 18.99 8.52 -2.88
C SER A 82 19.26 8.32 -4.38
N ASP A 83 20.47 7.85 -4.68
CA ASP A 83 20.99 7.87 -6.05
C ASP A 83 20.25 6.84 -6.90
N LEU A 84 19.44 7.38 -7.82
CA LEU A 84 18.56 6.57 -8.66
C LEU A 84 19.33 5.60 -9.60
N HIS A 85 20.66 5.61 -9.57
CA HIS A 85 21.48 4.57 -10.22
C HIS A 85 21.60 3.26 -9.45
N ASP A 86 21.33 3.25 -8.14
CA ASP A 86 21.53 2.03 -7.35
C ASP A 86 20.65 0.83 -7.78
N ALA A 87 21.22 -0.38 -7.66
CA ALA A 87 20.47 -1.64 -7.91
C ALA A 87 19.03 -1.68 -7.32
N LYS A 88 18.83 -1.07 -6.15
CA LYS A 88 17.48 -0.96 -5.54
C LYS A 88 16.36 -0.47 -6.50
N PHE A 89 16.72 0.42 -7.44
CA PHE A 89 15.79 1.06 -8.34
C PHE A 89 15.65 0.39 -9.74
N TRP A 90 16.40 -0.66 -10.00
CA TRP A 90 16.33 -1.34 -11.29
C TRP A 90 15.05 -2.15 -11.44
N GLN A 91 14.52 -2.21 -12.66
CA GLN A 91 13.39 -3.11 -12.99
C GLN A 91 13.92 -4.55 -13.21
N GLU A 92 13.13 -5.56 -12.88
CA GLU A 92 13.54 -6.93 -13.01
C GLU A 92 12.24 -7.73 -13.22
N ASP A 93 12.38 -8.98 -13.63
CA ASP A 93 11.27 -9.85 -13.86
C ASP A 93 10.61 -10.25 -12.55
N PRO A 94 9.35 -10.72 -12.59
CA PRO A 94 8.77 -11.26 -11.36
C PRO A 94 9.58 -12.41 -10.81
N ASN A 95 9.70 -12.50 -9.49
CA ASN A 95 10.22 -13.69 -8.83
C ASN A 95 9.66 -14.92 -9.47
N GLU A 96 10.46 -15.99 -9.46
CA GLU A 96 10.07 -17.24 -10.05
C GLU A 96 8.84 -17.81 -9.34
N ARG A 97 8.61 -17.47 -8.06
CA ARG A 97 7.45 -18.05 -7.37
C ARG A 97 6.14 -17.75 -8.11
N TYR A 98 6.03 -16.57 -8.74
CA TYR A 98 4.76 -16.17 -9.36
C TYR A 98 4.88 -15.57 -10.77
N ILE A 99 6.07 -15.63 -11.39
CA ILE A 99 6.22 -15.12 -12.77
C ILE A 99 5.24 -15.81 -13.73
N GLN A 100 4.94 -17.08 -13.48
CA GLN A 100 4.01 -17.83 -14.35
C GLN A 100 2.64 -17.09 -14.48
N TYR A 101 2.26 -16.31 -13.47
CA TYR A 101 0.96 -15.63 -13.54
C TYR A 101 0.93 -14.25 -14.19
N TYR A 102 2.00 -13.74 -14.79
CA TYR A 102 1.97 -12.33 -15.20
C TYR A 102 2.16 -12.22 -16.71
N PRO A 103 1.64 -11.14 -17.33
CA PRO A 103 1.94 -11.02 -18.74
C PRO A 103 3.46 -11.05 -18.95
N LYS A 104 3.87 -11.40 -20.17
CA LYS A 104 5.27 -11.37 -20.52
C LYS A 104 5.74 -9.90 -20.52
N GLY A 105 6.95 -9.64 -19.99
CA GLY A 105 7.48 -8.28 -19.93
C GLY A 105 6.95 -7.44 -18.77
N THR A 106 6.45 -8.11 -17.74
CA THR A 106 6.10 -7.43 -16.53
C THR A 106 7.44 -7.15 -15.84
N LYS A 107 7.72 -5.88 -15.60
CA LYS A 107 8.86 -5.51 -14.76
C LYS A 107 8.39 -4.95 -13.42
N LEU A 108 9.09 -5.29 -12.34
CA LEU A 108 8.84 -4.78 -10.97
C LEU A 108 10.17 -4.20 -10.40
N MET A 109 10.12 -3.07 -9.68
CA MET A 109 11.29 -2.53 -8.97
C MET A 109 11.90 -3.48 -7.92
N HIS A 110 13.21 -3.66 -8.03
CA HIS A 110 13.95 -4.62 -7.19
C HIS A 110 13.78 -4.46 -5.69
N GLY A 111 13.99 -3.24 -5.18
CA GLY A 111 13.96 -2.96 -3.74
C GLY A 111 12.66 -3.40 -3.07
N PHE A 112 11.56 -3.16 -3.77
CA PHE A 112 10.27 -3.58 -3.32
C PHE A 112 10.05 -5.09 -3.43
N GLN A 113 10.42 -5.70 -4.56
CA GLN A 113 10.19 -7.15 -4.77
C GLN A 113 11.02 -8.05 -3.85
N GLN A 114 12.28 -7.67 -3.66
CA GLN A 114 13.17 -8.38 -2.78
C GLN A 114 12.60 -8.32 -1.37
N ALA A 115 12.23 -7.12 -0.92
CA ALA A 115 11.65 -6.93 0.39
C ALA A 115 10.31 -7.68 0.57
N TYR A 116 9.50 -7.80 -0.48
CA TYR A 116 8.26 -8.60 -0.34
C TYR A 116 8.68 -10.04 -0.25
N ASN A 117 9.64 -10.44 -1.10
CA ASN A 117 10.06 -11.85 -1.17
C ASN A 117 10.56 -12.44 0.14
N ASP A 118 11.24 -11.64 0.96
CA ASP A 118 11.72 -12.09 2.28
C ASP A 118 10.60 -12.24 3.29
N LEU A 119 9.39 -11.84 2.90
CA LEU A 119 8.27 -11.94 3.83
C LEU A 119 7.16 -12.88 3.34
N MET A 120 7.14 -13.13 2.04
CA MET A 120 5.99 -13.77 1.38
C MET A 120 5.57 -15.17 1.80
N ASP A 121 6.50 -15.98 2.25
CA ASP A 121 6.15 -17.31 2.68
C ASP A 121 5.50 -17.23 4.04
N ASP A 122 5.96 -16.30 4.85
CA ASP A 122 5.44 -16.19 6.20
C ASP A 122 4.03 -15.59 6.19
N ILE A 123 3.86 -14.52 5.41
CA ILE A 123 2.58 -13.90 5.16
C ILE A 123 1.56 -14.91 4.70
N PHE A 124 1.93 -15.74 3.72
CA PHE A 124 0.97 -16.71 3.19
C PHE A 124 0.53 -17.70 4.22
N THR A 125 1.49 -18.16 5.02
CA THR A 125 1.31 -19.18 6.03
C THR A 125 0.38 -18.56 7.05
N ALA A 126 0.79 -17.44 7.65
CA ALA A 126 -0.05 -16.73 8.61
C ALA A 126 -1.45 -16.40 8.08
N VAL A 127 -1.58 -15.81 6.89
CA VAL A 127 -2.91 -15.56 6.31
C VAL A 127 -3.78 -16.87 6.27
N LYS A 128 -3.22 -17.98 5.76
CA LYS A 128 -3.95 -19.27 5.82
C LYS A 128 -4.29 -19.77 7.26
N LYS A 129 -3.36 -19.62 8.20
CA LYS A 129 -3.62 -20.03 9.58
C LYS A 129 -4.95 -19.38 10.02
N TYR A 130 -4.95 -18.04 10.00
CA TYR A 130 -6.02 -17.22 10.57
C TYR A 130 -7.30 -17.10 9.72
N LYS A 131 -7.23 -17.39 8.43
CA LYS A 131 -8.45 -17.61 7.67
C LYS A 131 -9.18 -18.87 8.20
N LYS A 132 -8.47 -19.99 8.26
CA LYS A 132 -8.99 -21.26 8.81
C LYS A 132 -9.48 -21.05 10.24
N GLU A 133 -8.75 -20.26 11.01
CA GLU A 133 -9.04 -20.15 12.40
C GLU A 133 -10.23 -19.24 12.68
N LYS A 134 -10.50 -18.28 11.80
CA LYS A 134 -11.63 -17.37 12.02
C LYS A 134 -12.74 -17.51 10.95
N ASN A 135 -12.71 -18.64 10.22
CA ASN A 135 -13.71 -18.95 9.17
C ASN A 135 -14.02 -17.71 8.33
N GLU A 136 -12.95 -17.16 7.72
CA GLU A 136 -12.95 -15.85 7.11
C GLU A 136 -12.37 -15.94 5.71
N LYS A 137 -13.14 -15.51 4.72
CA LYS A 137 -12.74 -15.65 3.33
C LYS A 137 -12.18 -14.36 2.76
N ARG A 138 -12.44 -13.23 3.43
CA ARG A 138 -11.89 -11.91 2.95
C ARG A 138 -10.46 -11.64 3.42
N VAL A 139 -9.59 -11.31 2.47
CA VAL A 139 -8.20 -10.97 2.75
C VAL A 139 -8.00 -9.52 2.31
N THR A 140 -7.65 -8.62 3.25
CA THR A 140 -7.33 -7.21 2.94
C THR A 140 -5.84 -6.91 3.17
N VAL A 141 -5.18 -6.32 2.17
CA VAL A 141 -3.76 -5.99 2.29
C VAL A 141 -3.67 -4.49 2.40
N ILE A 142 -2.88 -4.01 3.38
CA ILE A 142 -2.69 -2.58 3.59
C ILE A 142 -1.19 -2.29 3.67
N GLY A 143 -0.76 -1.16 3.12
CA GLY A 143 0.57 -0.70 3.37
C GLY A 143 0.71 0.81 3.30
N HIS A 144 1.82 1.29 3.85
CA HIS A 144 2.16 2.69 3.80
C HIS A 144 3.53 2.80 3.27
N SER A 145 3.76 3.76 2.41
CA SER A 145 5.13 4.07 1.98
C SER A 145 5.78 2.90 1.26
N LEU A 146 7.00 2.53 1.67
CA LEU A 146 7.69 1.37 1.11
C LEU A 146 6.80 0.15 1.23
N GLY A 147 6.13 0.01 2.37
CA GLY A 147 5.09 -1.02 2.57
C GLY A 147 3.90 -0.92 1.61
N ALA A 148 3.68 0.25 1.00
CA ALA A 148 2.54 0.41 0.10
C ALA A 148 2.85 -0.35 -1.21
N ALA A 149 4.01 -0.08 -1.80
CA ALA A 149 4.53 -0.83 -2.97
C ALA A 149 4.65 -2.36 -2.67
N MET A 150 5.16 -2.72 -1.50
CA MET A 150 5.19 -4.10 -1.15
C MET A 150 3.78 -4.65 -1.05
N GLY A 151 2.86 -3.78 -0.66
CA GLY A 151 1.48 -4.15 -0.39
C GLY A 151 0.71 -4.39 -1.66
N LEU A 152 1.01 -3.55 -2.65
CA LEU A 152 0.52 -3.74 -4.00
C LEU A 152 0.94 -5.08 -4.55
N LEU A 153 2.21 -5.44 -4.36
CA LEU A 153 2.72 -6.69 -4.91
C LEU A 153 2.09 -7.83 -4.15
N CYS A 154 2.04 -7.68 -2.82
CA CYS A 154 1.41 -8.68 -1.96
C CYS A 154 -0.04 -8.89 -2.36
N ALA A 155 -0.79 -7.78 -2.49
CA ALA A 155 -2.21 -7.81 -2.92
C ALA A 155 -2.36 -8.53 -4.28
N MET A 156 -1.50 -8.22 -5.24
CA MET A 156 -1.48 -8.98 -6.48
C MET A 156 -1.22 -10.48 -6.23
N ASP A 157 -0.17 -10.77 -5.48
CA ASP A 157 0.15 -12.16 -5.22
C ASP A 157 -1.03 -12.93 -4.66
N ILE A 158 -1.73 -12.31 -3.71
CA ILE A 158 -2.81 -12.96 -3.01
C ILE A 158 -3.95 -13.23 -3.97
N GLU A 159 -4.28 -12.23 -4.79
CA GLU A 159 -5.26 -12.39 -5.82
C GLU A 159 -4.92 -13.57 -6.73
N LEU A 160 -3.70 -13.59 -7.27
CA LEU A 160 -3.30 -14.63 -8.25
C LEU A 160 -3.12 -16.01 -7.69
N ARG A 161 -2.51 -16.10 -6.51
CA ARG A 161 -1.89 -17.33 -6.06
C ARG A 161 -2.56 -17.90 -4.86
N MET A 162 -3.27 -17.06 -4.12
CA MET A 162 -3.96 -17.55 -2.94
C MET A 162 -5.41 -17.83 -3.25
N ASP A 163 -5.85 -18.98 -2.76
CA ASP A 163 -7.20 -19.42 -2.90
C ASP A 163 -8.19 -18.46 -2.16
N GLY A 164 -9.20 -17.99 -2.89
CA GLY A 164 -10.13 -17.01 -2.34
C GLY A 164 -9.76 -15.65 -2.86
N GLY A 165 -8.49 -15.48 -3.22
CA GLY A 165 -8.06 -14.24 -3.80
C GLY A 165 -8.14 -13.15 -2.75
N LEU A 166 -8.25 -11.91 -3.25
CA LEU A 166 -8.15 -10.69 -2.47
C LEU A 166 -9.55 -10.07 -2.30
N TYR A 167 -9.83 -9.52 -1.11
CA TYR A 167 -11.02 -8.71 -0.90
C TYR A 167 -10.72 -7.27 -1.36
N LYS A 168 -9.83 -6.57 -0.65
CA LYS A 168 -9.41 -5.21 -1.04
C LYS A 168 -7.97 -4.92 -0.60
N THR A 169 -7.43 -3.81 -1.12
CA THR A 169 -6.20 -3.31 -0.68
C THR A 169 -6.34 -1.79 -0.52
N TYR A 170 -5.82 -1.30 0.61
CA TYR A 170 -5.67 0.18 0.84
C TYR A 170 -4.23 0.53 1.01
N LEU A 171 -3.82 1.49 0.23
CA LEU A 171 -2.40 1.74 -0.05
C LEU A 171 -2.17 3.23 0.12
N PHE A 172 -1.25 3.59 1.03
CA PHE A 172 -1.06 5.00 1.44
C PHE A 172 0.33 5.43 1.06
N GLY A 173 0.44 6.60 0.43
CA GLY A 173 1.71 7.09 -0.02
C GLY A 173 2.40 6.07 -0.90
N LEU A 174 1.68 5.47 -1.87
CA LEU A 174 2.17 4.40 -2.71
C LEU A 174 3.26 4.88 -3.64
N PRO A 175 4.50 4.40 -3.44
CA PRO A 175 5.47 4.71 -4.49
C PRO A 175 5.11 3.91 -5.74
N ARG A 176 5.69 4.24 -6.90
CA ARG A 176 5.48 3.40 -8.09
C ARG A 176 6.14 2.01 -7.91
N LEU A 177 5.61 0.99 -8.59
CA LEU A 177 6.16 -0.34 -8.39
C LEU A 177 6.60 -1.06 -9.66
N GLY A 178 5.84 -0.94 -10.75
CA GLY A 178 6.07 -1.76 -11.97
C GLY A 178 6.06 -0.96 -13.24
N ASN A 179 6.25 -1.61 -14.39
CA ASN A 179 6.19 -0.88 -15.69
C ASN A 179 4.76 -0.72 -16.18
N PRO A 180 4.54 -0.14 -17.37
CA PRO A 180 3.12 0.00 -17.76
C PRO A 180 2.37 -1.34 -17.85
N THR A 181 3.09 -2.39 -18.19
CA THR A 181 2.50 -3.71 -18.27
C THR A 181 2.00 -4.12 -16.89
N PHE A 182 2.80 -3.88 -15.84
CA PHE A 182 2.41 -4.25 -14.50
C PHE A 182 1.20 -3.41 -14.09
N ALA A 183 1.30 -2.10 -14.34
CA ALA A 183 0.24 -1.21 -13.88
C ALA A 183 -1.07 -1.61 -14.56
N SER A 184 -1.07 -1.83 -15.88
CA SER A 184 -2.31 -2.28 -16.55
C SER A 184 -2.85 -3.64 -16.05
N PHE A 185 -1.96 -4.59 -15.82
CA PHE A 185 -2.35 -5.88 -15.24
C PHE A 185 -3.04 -5.77 -13.88
N VAL A 186 -2.55 -4.86 -13.02
CA VAL A 186 -3.18 -4.53 -11.73
C VAL A 186 -4.62 -4.11 -12.05
N ASP A 187 -4.76 -3.07 -12.88
CA ASP A 187 -6.09 -2.60 -13.29
C ASP A 187 -7.04 -3.76 -13.60
N GLN A 188 -6.59 -4.72 -14.40
CA GLN A 188 -7.49 -5.81 -14.71
C GLN A 188 -7.65 -6.90 -13.64
N LYS A 189 -6.61 -7.32 -12.93
CA LYS A 189 -6.91 -8.29 -11.87
C LYS A 189 -7.55 -7.71 -10.61
N ILE A 190 -7.29 -6.46 -10.24
CA ILE A 190 -7.71 -5.98 -8.90
C ILE A 190 -8.15 -4.52 -8.94
N GLY A 191 -8.29 -4.00 -10.16
CA GLY A 191 -8.81 -2.65 -10.41
C GLY A 191 -9.88 -2.24 -9.42
N ASP A 192 -10.89 -3.07 -9.25
CA ASP A 192 -12.04 -2.72 -8.41
C ASP A 192 -11.84 -3.07 -6.94
N LYS A 193 -10.68 -3.66 -6.65
CA LYS A 193 -10.28 -3.97 -5.27
C LYS A 193 -9.28 -2.95 -4.72
N PHE A 194 -8.83 -2.03 -5.61
CA PHE A 194 -7.63 -1.20 -5.44
C PHE A 194 -7.95 0.20 -4.89
N HIS A 195 -7.27 0.60 -3.81
CA HIS A 195 -7.54 1.90 -3.18
C HIS A 195 -6.26 2.61 -2.79
N SER A 196 -5.87 3.59 -3.58
CA SER A 196 -4.61 4.29 -3.36
C SER A 196 -4.88 5.70 -2.83
N ILE A 197 -4.42 5.99 -1.61
CA ILE A 197 -4.80 7.22 -0.93
C ILE A 197 -3.59 8.11 -0.74
N ILE A 198 -3.60 9.28 -1.35
CA ILE A 198 -2.49 10.23 -1.25
C ILE A 198 -2.87 11.50 -0.48
N ASN A 199 -2.03 11.92 0.46
CA ASN A 199 -2.33 13.08 1.30
C ASN A 199 -1.49 14.30 0.96
N GLY A 200 -2.15 15.36 0.48
CA GLY A 200 -1.56 16.69 0.41
C GLY A 200 -0.45 16.85 -0.59
N ARG A 201 0.73 17.23 -0.09
CA ARG A 201 1.90 17.60 -0.90
C ARG A 201 2.99 16.51 -0.86
N ASP A 202 2.61 15.32 -0.42
CA ASP A 202 3.43 14.09 -0.39
C ASP A 202 4.14 13.87 -1.71
N TRP A 203 5.44 13.59 -1.61
CA TRP A 203 6.23 13.40 -2.83
C TRP A 203 6.38 11.94 -3.23
N VAL A 204 6.24 11.02 -2.27
CA VAL A 204 6.57 9.61 -2.49
C VAL A 204 5.83 8.97 -3.67
N PRO A 205 4.56 9.34 -3.89
CA PRO A 205 3.88 8.83 -5.03
C PRO A 205 4.49 9.26 -6.34
N THR A 206 5.59 10.01 -6.31
CA THR A 206 6.17 10.41 -7.58
C THR A 206 7.46 9.68 -7.87
N VAL A 207 7.87 8.78 -6.97
CA VAL A 207 9.10 8.05 -7.20
C VAL A 207 8.85 6.56 -7.10
N PRO A 208 9.63 5.72 -7.84
CA PRO A 208 10.63 6.08 -8.85
C PRO A 208 9.95 6.72 -10.02
N PRO A 209 10.66 7.60 -10.75
CA PRO A 209 9.92 8.41 -11.75
C PRO A 209 9.62 7.63 -13.03
N ARG A 210 8.73 8.19 -13.82
CA ARG A 210 8.27 7.57 -15.04
C ARG A 210 9.39 7.42 -16.08
N ALA A 211 10.37 8.33 -16.02
CA ALA A 211 11.52 8.29 -16.90
C ALA A 211 12.22 6.94 -16.82
N LEU A 212 12.20 6.29 -15.65
CA LEU A 212 12.89 5.01 -15.48
C LEU A 212 12.04 3.82 -15.92
N GLY A 213 10.82 4.12 -16.40
CA GLY A 213 9.92 3.08 -16.90
C GLY A 213 8.84 2.59 -15.94
N TYR A 214 8.43 3.46 -15.00
CA TYR A 214 7.46 3.07 -13.96
C TYR A 214 6.09 3.73 -14.17
N GLN A 215 5.03 3.02 -13.76
CA GLN A 215 3.67 3.50 -14.03
C GLN A 215 2.74 3.08 -12.88
N HIS A 216 2.03 4.03 -12.31
CA HIS A 216 0.98 3.72 -11.32
C HIS A 216 -0.15 2.96 -11.97
N PRO A 217 -0.82 2.04 -11.23
CA PRO A 217 -2.12 1.49 -11.69
C PRO A 217 -3.17 2.62 -11.87
N SER A 218 -4.44 2.31 -12.10
CA SER A 218 -5.50 3.36 -12.22
C SER A 218 -6.09 3.85 -10.91
N ASP A 219 -6.32 5.16 -10.87
CA ASP A 219 -7.06 5.82 -9.77
C ASP A 219 -6.28 5.99 -8.48
N TYR A 220 -6.34 7.20 -7.97
CA TYR A 220 -6.08 7.38 -6.56
C TYR A 220 -7.04 8.39 -6.02
N VAL A 221 -7.15 8.42 -4.72
CA VAL A 221 -7.91 9.48 -4.11
C VAL A 221 -6.86 10.39 -3.43
N TRP A 222 -7.01 11.70 -3.69
CA TRP A 222 -6.04 12.72 -3.31
C TRP A 222 -6.67 13.71 -2.34
N ILE A 223 -6.11 13.78 -1.14
CA ILE A 223 -6.73 14.54 -0.07
C ILE A 223 -6.07 15.90 -0.07
N TYR A 224 -6.73 16.91 -0.64
CA TYR A 224 -6.25 18.31 -0.59
C TYR A 224 -7.28 19.32 -0.04
N PRO A 225 -6.84 20.21 0.90
CA PRO A 225 -5.49 20.28 1.46
C PRO A 225 -5.19 19.11 2.34
N GLY A 226 -3.90 18.89 2.55
CA GLY A 226 -3.38 17.85 3.42
C GLY A 226 -4.05 17.79 4.77
N ASN A 227 -4.42 16.57 5.17
CA ASN A 227 -5.03 16.31 6.45
C ASN A 227 -6.49 16.75 6.54
N SER A 228 -7.05 17.39 5.49
CA SER A 228 -8.50 17.74 5.48
C SER A 228 -9.37 16.52 5.12
N THR A 229 -10.68 16.73 4.92
CA THR A 229 -11.51 15.65 4.40
C THR A 229 -12.00 15.87 2.98
N SER A 230 -11.46 16.88 2.29
CA SER A 230 -11.79 17.07 0.86
C SER A 230 -10.86 16.17 0.06
N ALA A 231 -11.45 15.49 -0.91
CA ALA A 231 -10.75 14.50 -1.69
C ALA A 231 -11.60 14.27 -2.89
N LYS A 232 -10.95 14.34 -4.05
CA LYS A 232 -11.59 13.95 -5.27
C LYS A 232 -10.90 12.64 -5.66
N LEU A 233 -11.47 11.88 -6.60
CA LEU A 233 -10.78 10.73 -7.20
C LEU A 233 -10.22 11.11 -8.56
N TYR A 234 -8.94 10.88 -8.77
CA TYR A 234 -8.33 11.22 -10.05
C TYR A 234 -8.11 9.90 -10.83
N PRO A 235 -8.94 9.65 -11.87
CA PRO A 235 -9.10 8.35 -12.51
C PRO A 235 -8.14 8.05 -13.68
N GLY A 236 -8.05 6.76 -14.05
CA GLY A 236 -7.06 6.29 -15.00
C GLY A 236 -5.65 6.32 -14.39
N GLN A 237 -4.68 5.83 -15.15
CA GLN A 237 -3.30 5.86 -14.73
C GLN A 237 -2.73 7.26 -14.88
N GLU A 238 -2.02 7.72 -13.86
CA GLU A 238 -1.14 8.89 -13.97
C GLU A 238 -1.82 10.16 -14.48
N ASN A 239 -2.99 10.41 -13.92
CA ASN A 239 -3.86 11.51 -14.33
C ASN A 239 -3.23 12.91 -14.30
N VAL A 240 -3.07 13.51 -15.48
CA VAL A 240 -2.48 14.87 -15.62
C VAL A 240 -3.05 15.95 -14.67
N HIS A 241 -4.26 15.75 -14.15
CA HIS A 241 -4.90 16.79 -13.34
C HIS A 241 -4.57 16.69 -11.89
N GLY A 242 -3.89 15.62 -11.50
CA GLY A 242 -3.69 15.28 -10.09
C GLY A 242 -2.52 15.94 -9.40
N ILE A 243 -1.95 15.21 -8.44
CA ILE A 243 -0.93 15.71 -7.50
C ILE A 243 0.17 16.64 -8.04
N LEU A 244 0.61 16.46 -9.29
CA LEU A 244 1.70 17.32 -9.77
C LEU A 244 1.27 18.78 -9.95
N THR A 245 -0.04 19.00 -10.05
CA THR A 245 -0.58 20.36 -10.19
C THR A 245 -0.43 21.21 -8.92
N VAL A 246 0.18 20.67 -7.87
CA VAL A 246 0.49 21.43 -6.66
C VAL A 246 1.93 21.08 -6.28
N ALA A 247 2.76 22.08 -5.98
CA ALA A 247 4.14 21.85 -5.55
C ALA A 247 4.22 20.68 -4.57
N ARG A 248 5.09 19.72 -4.85
CA ARG A 248 5.38 18.70 -3.86
C ARG A 248 6.28 19.32 -2.80
N GLU A 249 6.10 18.96 -1.54
CA GLU A 249 7.08 19.30 -0.50
C GLU A 249 8.03 18.12 -0.41
N PHE A 250 9.28 18.35 -0.03
CA PHE A 250 10.26 17.27 -0.04
C PHE A 250 10.65 16.84 1.36
N ASN A 251 9.65 16.67 2.22
CA ASN A 251 9.81 15.99 3.53
C ASN A 251 8.69 14.97 3.67
N PHE A 252 8.55 14.35 4.85
CA PHE A 252 7.51 13.35 5.04
C PHE A 252 6.32 13.83 5.81
N ASP A 253 6.01 15.12 5.70
CA ASP A 253 5.01 15.74 6.61
C ASP A 253 3.60 15.20 6.32
N ASP A 254 3.05 15.63 5.19
CA ASP A 254 1.84 15.06 4.61
C ASP A 254 1.90 13.52 4.49
N HIS A 255 3.06 13.01 4.06
CA HIS A 255 3.27 11.56 4.00
C HIS A 255 2.89 10.87 5.28
N GLN A 256 3.28 11.47 6.40
CA GLN A 256 3.03 10.91 7.73
C GLN A 256 1.86 11.65 8.41
N GLY A 257 0.87 12.02 7.60
CA GLY A 257 -0.26 12.81 8.04
C GLY A 257 -1.55 12.12 8.41
N ILE A 258 -2.66 12.83 8.18
CA ILE A 258 -3.97 12.44 8.66
C ILE A 258 -4.83 11.96 7.50
N TYR A 259 -5.17 10.69 7.54
CA TYR A 259 -5.88 10.09 6.45
C TYR A 259 -7.30 9.74 6.96
N PHE A 260 -8.27 10.58 6.59
CA PHE A 260 -9.63 10.52 7.15
C PHE A 260 -9.60 10.20 8.63
N HIS A 261 -9.11 11.19 9.40
CA HIS A 261 -9.19 11.23 10.88
C HIS A 261 -8.26 10.28 11.59
N THR A 262 -7.41 9.58 10.84
CA THR A 262 -6.43 8.71 11.47
C THR A 262 -5.12 9.13 10.94
N GLN A 263 -4.19 9.35 11.88
CA GLN A 263 -2.82 9.71 11.60
C GLN A 263 -1.93 8.48 11.44
N ILE A 264 -1.26 8.41 10.27
CA ILE A 264 -0.16 7.45 10.02
C ILE A 264 1.17 8.22 10.19
N GLY A 265 1.66 8.25 11.42
CA GLY A 265 2.70 9.21 11.77
C GLY A 265 4.05 8.53 11.78
N ALA A 266 4.01 7.19 11.64
CA ALA A 266 5.22 6.36 11.45
C ALA A 266 5.93 6.21 12.78
N VAL A 267 7.26 6.14 12.75
CA VAL A 267 8.08 5.91 13.94
C VAL A 267 7.74 6.91 15.05
N MET A 268 7.51 8.17 14.69
CA MET A 268 7.27 9.23 15.67
C MET A 268 5.78 9.55 15.99
N GLY A 269 4.83 8.80 15.44
CA GLY A 269 3.40 9.04 15.69
C GLY A 269 2.82 8.20 16.85
N GLU A 270 1.51 7.97 16.81
CA GLU A 270 0.81 7.25 17.87
C GLU A 270 1.17 5.77 17.98
N CYS A 271 1.57 5.34 19.16
CA CYS A 271 1.63 3.91 19.45
C CYS A 271 0.98 3.71 20.80
N PRO A 272 -0.02 2.84 20.87
CA PRO A 272 -0.52 2.12 19.71
C PRO A 272 -1.29 3.12 18.86
N ALA A 273 -1.63 2.75 17.63
CA ALA A 273 -2.38 3.63 16.73
C ALA A 273 -3.84 3.88 17.18
N GLN A 274 -4.32 5.07 16.88
CA GLN A 274 -5.61 5.47 17.35
C GLN A 274 -6.54 5.76 16.16
N VAL A 275 -7.40 4.81 15.79
CA VAL A 275 -8.32 5.04 14.67
C VAL A 275 -9.30 6.20 14.98
N GLY A 276 -9.44 7.16 14.08
CA GLY A 276 -10.41 8.25 14.29
C GLY A 276 -9.99 9.34 15.28
N ALA A 277 -8.83 9.20 15.93
CA ALA A 277 -8.37 10.18 16.91
C ALA A 277 -8.33 11.65 16.43
N HIS A 278 -8.22 11.89 15.14
CA HIS A 278 -8.09 13.26 14.65
C HIS A 278 -9.15 13.56 13.64
#